data_7TZL
#
_entry.id   7TZL
#
_cell.length_a   63.938
_cell.length_b   73.973
_cell.length_c   129.905
_cell.angle_alpha   90.000
_cell.angle_beta   90.000
_cell.angle_gamma   90.000
#
_symmetry.space_group_name_H-M   'P 21 21 21'
#
loop_
_entity.id
_entity.type
_entity.pdbx_description
1 polymer '3-oxoacyl-[acyl-carrier-protein] reductase'
2 water water
#
_entity_poly.entity_id   1
_entity_poly.type   'polypeptide(L)'
_entity_poly.pdbx_seq_one_letter_code
;MGSSHHHHHHSSGLVPRGSHMLETPFSRSRRFPSQGHPLVGTRSPVADEPDKYVWELTMDTDTFPWLEDHRVQGPIVFPG
AGHLDLVVGCATEAFGPGRYSVENVEFRRPLFVFDDRPAPLVQVVLSPSMHFGVYSLQDGDKEWVLHSEGTVRAGAPDAE
PPVPFAELEAHCPLEFDPAKVFAKFRNNGLMLGPTFRVISRLKYGELRSLGRIDTPDTIADEAPRHLIHPALLDACFQSL
SIAMGNDPNTEDKTLYIPFDVRRFSFHAKAGKRLYCYGQAHVLDDIAYCEGDLWLFNEDGELVAEFEGFKGKSIT
;
_entity_poly.pdbx_strand_id   A,B
#
# COMPACT_ATOMS: atom_id res chain seq x y z
N GLY A 36 -8.44 16.21 -5.35
CA GLY A 36 -8.00 15.83 -4.02
C GLY A 36 -9.10 15.19 -3.19
N HIS A 37 -8.75 14.77 -1.98
CA HIS A 37 -9.69 14.13 -1.08
C HIS A 37 -10.84 15.08 -0.76
N PRO A 38 -12.10 14.68 -0.99
CA PRO A 38 -13.20 15.65 -0.92
C PRO A 38 -13.52 16.14 0.48
N LEU A 39 -13.02 15.48 1.52
CA LEU A 39 -13.35 15.86 2.90
C LEU A 39 -12.24 16.66 3.57
N VAL A 40 -11.11 16.86 2.90
CA VAL A 40 -10.03 17.68 3.41
C VAL A 40 -10.19 19.09 2.85
N GLY A 41 -10.21 20.08 3.73
CA GLY A 41 -10.46 21.45 3.34
C GLY A 41 -9.22 22.33 3.41
N THR A 42 -9.47 23.64 3.34
CA THR A 42 -8.40 24.62 3.39
C THR A 42 -7.58 24.48 4.67
N ARG A 43 -6.27 24.69 4.55
CA ARG A 43 -5.37 24.73 5.68
C ARG A 43 -4.58 26.03 5.64
N SER A 44 -4.48 26.69 6.79
CA SER A 44 -3.85 28.01 6.90
C SER A 44 -2.76 27.93 7.97
N PRO A 45 -1.55 27.49 7.59
CA PRO A 45 -0.48 27.32 8.58
C PRO A 45 -0.20 28.58 9.38
N VAL A 46 -0.38 28.49 10.70
CA VAL A 46 -0.22 29.63 11.59
C VAL A 46 1.25 29.75 11.96
N ALA A 47 1.74 31.00 12.08
CA ALA A 47 3.18 31.24 12.17
C ALA A 47 3.74 30.73 13.49
N ASP A 48 3.16 31.14 14.62
CA ASP A 48 3.68 30.74 15.93
C ASP A 48 3.32 29.30 16.29
N GLU A 49 2.75 28.54 15.37
CA GLU A 49 2.35 27.15 15.62
C GLU A 49 2.75 26.34 14.39
N PRO A 50 3.99 25.84 14.36
CA PRO A 50 4.52 25.22 13.13
C PRO A 50 4.15 23.76 12.93
N ASP A 51 3.97 22.99 14.01
CA ASP A 51 3.61 21.58 13.90
C ASP A 51 2.13 21.34 14.11
N LYS A 52 1.31 22.39 13.99
CA LYS A 52 -0.12 22.29 14.13
C LYS A 52 -0.78 22.42 12.75
N TYR A 53 -1.79 21.59 12.52
CA TYR A 53 -2.48 21.56 11.23
C TYR A 53 -3.98 21.66 11.49
N VAL A 54 -4.64 22.56 10.76
CA VAL A 54 -6.08 22.76 10.88
C VAL A 54 -6.67 22.82 9.48
N TRP A 55 -7.60 21.92 9.18
CA TRP A 55 -8.34 21.95 7.94
C TRP A 55 -9.78 22.36 8.22
N GLU A 56 -10.35 23.18 7.34
CA GLU A 56 -11.69 23.69 7.55
C GLU A 56 -12.56 23.38 6.33
N LEU A 57 -13.80 22.98 6.60
CA LEU A 57 -14.69 22.48 5.56
C LEU A 57 -16.12 22.82 5.91
N THR A 58 -16.88 23.29 4.93
CA THR A 58 -18.32 23.48 5.06
C THR A 58 -19.01 22.20 4.59
N MET A 59 -19.66 21.50 5.52
CA MET A 59 -20.28 20.21 5.22
C MET A 59 -21.73 20.44 4.80
N ASP A 60 -21.90 20.84 3.55
CA ASP A 60 -23.21 21.10 2.97
C ASP A 60 -23.65 19.95 2.07
N THR A 61 -24.95 19.87 1.85
CA THR A 61 -25.51 18.80 1.02
C THR A 61 -25.16 18.98 -0.46
N ASP A 62 -24.94 20.22 -0.89
CA ASP A 62 -24.58 20.43 -2.30
C ASP A 62 -23.22 19.81 -2.61
N THR A 63 -22.25 20.03 -1.72
CA THR A 63 -20.93 19.41 -1.91
C THR A 63 -20.98 17.90 -1.66
N PHE A 64 -21.87 17.45 -0.77
CA PHE A 64 -21.95 16.03 -0.39
C PHE A 64 -23.42 15.62 -0.40
N PRO A 65 -23.98 15.33 -1.58
CA PRO A 65 -25.40 14.91 -1.63
C PRO A 65 -25.68 13.65 -0.86
N TRP A 66 -24.73 12.70 -0.81
CA TRP A 66 -24.93 11.45 -0.10
C TRP A 66 -25.26 11.64 1.38
N LEU A 67 -24.95 12.82 1.94
CA LEU A 67 -25.25 13.09 3.34
C LEU A 67 -26.73 12.86 3.67
N GLU A 68 -27.61 13.07 2.69
CA GLU A 68 -29.05 12.89 2.92
C GLU A 68 -29.39 11.48 3.40
N ASP A 69 -28.63 10.48 2.96
CA ASP A 69 -29.04 9.09 3.11
C ASP A 69 -28.63 8.46 4.43
N HIS A 70 -28.21 9.26 5.42
CA HIS A 70 -27.93 8.76 6.77
C HIS A 70 -28.55 9.72 7.78
N ARG A 71 -29.86 9.61 7.98
CA ARG A 71 -30.55 10.42 8.97
C ARG A 71 -30.88 9.59 10.20
N VAL A 72 -30.79 10.22 11.37
CA VAL A 72 -31.02 9.56 12.65
C VAL A 72 -32.10 10.33 13.37
N GLN A 73 -33.30 9.75 13.45
CA GLN A 73 -34.43 10.38 14.13
C GLN A 73 -34.79 11.72 13.50
N GLY A 74 -34.56 11.86 12.19
CA GLY A 74 -34.88 13.08 11.48
C GLY A 74 -33.69 13.75 10.83
N PRO A 75 -32.82 14.36 11.64
CA PRO A 75 -31.72 15.15 11.07
C PRO A 75 -30.64 14.31 10.43
N ILE A 76 -29.94 14.93 9.48
CA ILE A 76 -28.79 14.30 8.82
C ILE A 76 -27.63 14.23 9.80
N VAL A 77 -27.02 13.06 9.93
CA VAL A 77 -25.86 12.85 10.78
C VAL A 77 -24.71 12.36 9.92
N PHE A 78 -23.59 13.08 9.95
CA PHE A 78 -22.34 12.56 9.41
C PHE A 78 -21.97 11.28 10.15
N PRO A 79 -21.81 10.16 9.45
CA PRO A 79 -21.56 8.88 10.14
C PRO A 79 -20.26 8.91 10.92
N GLY A 80 -20.34 8.48 12.19
CA GLY A 80 -19.15 8.40 13.01
C GLY A 80 -18.02 7.60 12.40
N ALA A 81 -18.36 6.63 11.54
CA ALA A 81 -17.32 5.91 10.81
C ALA A 81 -16.58 6.84 9.85
N GLY A 82 -17.33 7.74 9.20
CA GLY A 82 -16.72 8.67 8.24
C GLY A 82 -15.53 9.43 8.79
N HIS A 83 -15.49 9.63 10.10
CA HIS A 83 -14.38 10.38 10.72
C HIS A 83 -13.03 9.74 10.42
N LEU A 84 -13.00 8.46 10.05
CA LEU A 84 -11.73 7.78 9.80
C LEU A 84 -11.19 8.12 8.41
N ASP A 85 -12.08 8.22 7.42
CA ASP A 85 -11.66 8.68 6.10
C ASP A 85 -11.26 10.14 6.13
N LEU A 86 -11.89 10.91 7.01
CA LEU A 86 -11.58 12.35 7.13
C LEU A 86 -10.19 12.57 7.71
N VAL A 87 -9.95 12.06 8.92
CA VAL A 87 -8.67 12.30 9.60
C VAL A 87 -7.51 11.76 8.78
N VAL A 88 -7.66 10.58 8.19
CA VAL A 88 -6.54 9.99 7.47
C VAL A 88 -6.31 10.70 6.14
N GLY A 89 -7.38 11.17 5.50
CA GLY A 89 -7.21 12.00 4.33
C GLY A 89 -6.50 13.30 4.64
N CYS A 90 -6.79 13.87 5.82
CA CYS A 90 -6.08 15.07 6.27
C CYS A 90 -4.61 14.77 6.52
N ALA A 91 -4.32 13.72 7.27
CA ALA A 91 -2.92 13.36 7.55
C ALA A 91 -2.18 13.09 6.24
N THR A 92 -2.84 12.40 5.32
CA THR A 92 -2.23 12.16 4.02
C THR A 92 -1.81 13.48 3.37
N GLU A 93 -2.66 14.51 3.44
CA GLU A 93 -2.36 15.78 2.79
C GLU A 93 -1.16 16.46 3.43
N ALA A 94 -1.01 16.32 4.75
CA ALA A 94 0.12 16.95 5.44
C ALA A 94 1.42 16.22 5.17
N PHE A 95 1.41 14.88 5.30
CA PHE A 95 2.65 14.12 5.38
C PHE A 95 2.91 13.23 4.17
N GLY A 96 1.87 12.84 3.42
CA GLY A 96 2.07 12.12 2.19
C GLY A 96 1.29 10.83 2.12
N PRO A 97 1.30 10.19 0.95
CA PRO A 97 0.57 8.93 0.79
C PRO A 97 1.26 7.80 1.51
N GLY A 98 0.45 6.89 2.01
CA GLY A 98 0.97 5.73 2.70
C GLY A 98 0.00 5.24 3.74
N ARG A 99 0.56 4.48 4.67
CA ARG A 99 -0.22 3.84 5.72
C ARG A 99 -0.27 4.74 6.95
N TYR A 100 -1.47 4.90 7.51
CA TYR A 100 -1.67 5.67 8.74
C TYR A 100 -2.54 4.86 9.71
N SER A 101 -2.35 5.13 11.00
CA SER A 101 -3.08 4.42 12.04
C SER A 101 -3.67 5.42 13.03
N VAL A 102 -4.94 5.22 13.35
CA VAL A 102 -5.71 6.13 14.19
C VAL A 102 -6.07 5.36 15.46
N GLU A 103 -5.49 5.77 16.58
CA GLU A 103 -5.51 4.97 17.80
C GLU A 103 -6.30 5.67 18.89
N ASN A 104 -7.04 4.87 19.67
CA ASN A 104 -7.85 5.35 20.79
C ASN A 104 -8.82 6.45 20.37
N VAL A 105 -9.52 6.20 19.26
CA VAL A 105 -10.59 7.08 18.83
C VAL A 105 -11.75 7.00 19.81
N GLU A 106 -12.22 8.16 20.27
CA GLU A 106 -13.48 8.26 21.00
C GLU A 106 -14.48 9.06 20.18
N PHE A 107 -15.67 8.47 19.97
CA PHE A 107 -16.82 9.20 19.45
C PHE A 107 -17.76 9.52 20.59
N ARG A 108 -18.15 10.78 20.69
CA ARG A 108 -18.94 11.25 21.83
C ARG A 108 -20.22 11.94 21.40
N ARG A 109 -20.11 13.00 20.58
CA ARG A 109 -21.23 13.86 20.23
C ARG A 109 -21.47 13.83 18.72
N PRO A 110 -22.72 13.60 18.29
CA PRO A 110 -23.00 13.50 16.85
C PRO A 110 -22.79 14.81 16.11
N LEU A 111 -22.38 14.69 14.84
CA LEU A 111 -22.21 15.82 13.95
C LEU A 111 -23.47 15.94 13.09
N PHE A 112 -24.23 17.00 13.31
CA PHE A 112 -25.51 17.21 12.64
C PHE A 112 -25.35 18.15 11.45
N VAL A 113 -26.06 17.84 10.36
CA VAL A 113 -26.26 18.78 9.26
C VAL A 113 -27.76 19.07 9.19
N PHE A 114 -28.23 19.97 10.06
CA PHE A 114 -29.64 20.32 10.11
C PHE A 114 -30.16 20.87 8.79
N ASP A 115 -31.48 20.80 8.63
CA ASP A 115 -32.16 21.29 7.45
C ASP A 115 -32.60 22.75 7.57
N ASP A 116 -32.81 23.23 8.80
CA ASP A 116 -33.33 24.57 9.03
C ASP A 116 -32.23 25.63 9.03
N ARG A 117 -31.04 25.27 9.48
CA ARG A 117 -29.90 26.15 9.61
C ARG A 117 -28.93 25.94 8.45
N PRO A 118 -28.03 26.88 8.20
CA PRO A 118 -27.03 26.67 7.14
C PRO A 118 -26.02 25.60 7.50
N ALA A 119 -25.33 25.11 6.47
CA ALA A 119 -24.36 24.06 6.61
C ALA A 119 -23.38 24.36 7.74
N PRO A 120 -23.04 23.38 8.57
CA PRO A 120 -22.07 23.61 9.64
C PRO A 120 -20.65 23.71 9.11
N LEU A 121 -19.78 24.28 9.94
CA LEU A 121 -18.34 24.33 9.69
C LEU A 121 -17.67 23.22 10.47
N VAL A 122 -16.67 22.58 9.85
CA VAL A 122 -16.01 21.41 10.41
C VAL A 122 -14.51 21.67 10.41
N GLN A 123 -13.85 21.42 11.54
CA GLN A 123 -12.42 21.65 11.70
C GLN A 123 -11.74 20.38 12.19
N VAL A 124 -10.76 19.91 11.42
CA VAL A 124 -9.86 18.86 11.86
C VAL A 124 -8.63 19.53 12.46
N VAL A 125 -8.48 19.45 13.78
CA VAL A 125 -7.33 20.03 14.48
C VAL A 125 -6.36 18.91 14.81
N LEU A 126 -5.16 18.98 14.24
CA LEU A 126 -4.08 18.05 14.54
C LEU A 126 -2.99 18.79 15.32
N SER A 127 -2.72 18.34 16.53
CA SER A 127 -1.74 18.96 17.41
C SER A 127 -0.33 18.50 17.04
N PRO A 128 0.70 19.19 17.54
CA PRO A 128 2.07 18.68 17.37
C PRO A 128 2.28 17.30 17.96
N SER A 129 1.60 16.98 19.06
CA SER A 129 1.72 15.67 19.70
C SER A 129 0.97 14.57 18.94
N MET A 130 0.53 14.87 17.72
CA MET A 130 -0.24 13.96 16.86
C MET A 130 -1.60 13.59 17.47
N HIS A 131 -2.04 14.30 18.50
CA HIS A 131 -3.41 14.18 18.97
C HIS A 131 -4.32 14.99 18.07
N PHE A 132 -5.48 14.41 17.73
CA PHE A 132 -6.41 15.06 16.81
C PHE A 132 -7.78 15.22 17.48
N GLY A 133 -8.52 16.21 17.00
CA GLY A 133 -9.92 16.38 17.35
C GLY A 133 -10.70 16.86 16.15
N VAL A 134 -11.95 16.42 16.00
CA VAL A 134 -12.83 16.89 14.94
C VAL A 134 -13.92 17.73 15.58
N TYR A 135 -14.06 18.96 15.11
CA TYR A 135 -14.92 19.96 15.72
C TYR A 135 -15.94 20.46 14.70
N SER A 136 -17.07 20.94 15.20
CA SER A 136 -18.06 21.58 14.34
C SER A 136 -18.68 22.77 15.07
N LEU A 137 -19.06 23.77 14.29
CA LEU A 137 -19.75 24.94 14.79
C LEU A 137 -20.98 25.18 13.93
N GLN A 138 -22.15 25.18 14.55
CA GLN A 138 -23.39 25.57 13.89
C GLN A 138 -23.56 27.08 13.97
N ASP A 139 -24.34 27.62 13.03
CA ASP A 139 -24.43 29.06 12.87
C ASP A 139 -24.98 29.72 14.13
N GLY A 140 -24.33 30.80 14.54
CA GLY A 140 -24.72 31.53 15.74
C GLY A 140 -24.32 30.92 17.05
N ASP A 141 -23.61 29.79 17.05
CA ASP A 141 -23.21 29.13 18.28
C ASP A 141 -21.95 29.76 18.86
N LYS A 142 -21.88 29.81 20.19
CA LYS A 142 -20.74 30.39 20.87
C LYS A 142 -19.57 29.42 20.96
N GLU A 143 -19.83 28.12 21.05
CA GLU A 143 -18.78 27.13 21.29
C GLU A 143 -18.79 26.07 20.20
N TRP A 144 -17.60 25.58 19.88
CA TRP A 144 -17.43 24.43 19.01
C TRP A 144 -17.83 23.15 19.74
N VAL A 145 -18.29 22.16 18.99
CA VAL A 145 -18.66 20.86 19.53
C VAL A 145 -17.60 19.83 19.11
N LEU A 146 -17.01 19.15 20.09
CA LEU A 146 -16.07 18.07 19.82
C LEU A 146 -16.85 16.80 19.47
N HIS A 147 -16.58 16.25 18.29
CA HIS A 147 -17.23 15.02 17.83
C HIS A 147 -16.34 13.79 17.96
N SER A 148 -15.08 13.89 17.54
CA SER A 148 -14.15 12.77 17.59
C SER A 148 -12.84 13.22 18.21
N GLU A 149 -12.12 12.27 18.80
CA GLU A 149 -10.90 12.57 19.56
C GLU A 149 -10.00 11.35 19.56
N GLY A 150 -8.71 11.56 19.28
CA GLY A 150 -7.78 10.46 19.29
C GLY A 150 -6.41 10.91 18.83
N THR A 151 -5.53 9.94 18.64
CA THR A 151 -4.23 10.15 18.04
C THR A 151 -4.19 9.59 16.62
N VAL A 152 -3.12 9.95 15.90
CA VAL A 152 -2.88 9.43 14.55
C VAL A 152 -1.38 9.44 14.30
N ARG A 153 -0.89 8.40 13.64
CA ARG A 153 0.54 8.31 13.31
C ARG A 153 0.70 7.72 11.92
N ALA A 154 1.88 7.96 11.35
CA ALA A 154 2.26 7.30 10.11
C ALA A 154 2.58 5.84 10.35
N GLY A 155 2.14 4.98 9.42
CA GLY A 155 2.47 3.57 9.46
C GLY A 155 1.41 2.73 10.16
N ALA A 156 1.59 1.42 10.07
CA ALA A 156 0.65 0.47 10.63
C ALA A 156 1.37 -0.85 10.87
N PRO A 157 0.93 -1.64 11.84
CA PRO A 157 1.49 -2.99 12.00
C PRO A 157 1.13 -3.88 10.82
N ASP A 158 1.90 -4.94 10.66
CA ASP A 158 1.54 -5.98 9.71
C ASP A 158 0.21 -6.62 10.13
N ALA A 159 -0.70 -6.71 9.18
CA ALA A 159 -2.07 -7.12 9.47
C ALA A 159 -2.17 -8.62 9.63
N GLU A 160 -3.01 -9.05 10.58
CA GLU A 160 -3.11 -10.44 11.01
C GLU A 160 -4.54 -10.94 10.82
N PRO A 161 -4.95 -11.24 9.59
CA PRO A 161 -6.25 -11.88 9.40
C PRO A 161 -6.25 -13.27 10.01
N PRO A 162 -7.25 -13.61 10.82
CA PRO A 162 -7.29 -14.97 11.39
C PRO A 162 -7.70 -16.01 10.36
N VAL A 163 -8.35 -15.60 9.27
CA VAL A 163 -8.73 -16.49 8.19
C VAL A 163 -8.31 -15.84 6.88
N PRO A 164 -7.54 -16.52 6.03
CA PRO A 164 -7.16 -15.94 4.73
C PRO A 164 -8.37 -15.60 3.88
N PHE A 165 -8.15 -14.66 2.94
CA PHE A 165 -9.22 -14.14 2.11
C PHE A 165 -9.98 -15.26 1.39
N ALA A 166 -9.26 -16.22 0.84
CA ALA A 166 -9.92 -17.28 0.07
C ALA A 166 -10.82 -18.13 0.95
N GLU A 167 -10.38 -18.45 2.17
CA GLU A 167 -11.16 -19.28 3.08
C GLU A 167 -12.34 -18.53 3.71
N LEU A 168 -12.40 -17.21 3.57
CA LEU A 168 -13.43 -16.40 4.21
C LEU A 168 -14.84 -16.92 3.90
N GLU A 169 -15.15 -17.06 2.61
CA GLU A 169 -16.46 -17.55 2.17
C GLU A 169 -16.95 -18.76 2.95
N ALA A 170 -16.08 -19.75 3.15
CA ALA A 170 -16.51 -20.99 3.79
C ALA A 170 -16.60 -20.87 5.30
N HIS A 171 -15.84 -19.94 5.88
CA HIS A 171 -15.86 -19.77 7.34
C HIS A 171 -17.21 -19.25 7.83
N CYS A 172 -17.96 -18.54 6.98
CA CYS A 172 -19.26 -17.97 7.32
C CYS A 172 -20.33 -18.66 6.49
N PRO A 173 -20.92 -19.76 6.97
CA PRO A 173 -21.85 -20.54 6.14
C PRO A 173 -23.22 -19.90 5.98
N LEU A 174 -23.83 -19.54 7.11
CA LEU A 174 -25.21 -19.04 7.09
C LEU A 174 -25.29 -17.67 6.43
N GLU A 175 -26.37 -17.44 5.70
CA GLU A 175 -26.59 -16.19 4.97
C GLU A 175 -27.82 -15.47 5.51
N PHE A 176 -27.75 -14.14 5.52
CA PHE A 176 -28.86 -13.30 5.94
C PHE A 176 -29.24 -12.34 4.82
N ASP A 177 -30.51 -11.96 4.78
CA ASP A 177 -31.01 -11.06 3.75
C ASP A 177 -30.68 -9.62 4.11
N PRO A 178 -29.95 -8.88 3.26
CA PRO A 178 -29.64 -7.48 3.57
C PRO A 178 -30.87 -6.61 3.73
N ALA A 179 -31.96 -6.90 3.01
CA ALA A 179 -33.16 -6.08 3.11
C ALA A 179 -33.67 -6.27 4.54
N LYS A 180 -33.26 -7.35 5.20
CA LYS A 180 -33.67 -7.54 6.59
C LYS A 180 -32.95 -6.59 7.52
N VAL A 181 -31.67 -6.31 7.26
CA VAL A 181 -30.88 -5.45 8.14
C VAL A 181 -31.19 -3.97 8.01
N PHE A 182 -31.34 -3.48 6.77
CA PHE A 182 -31.78 -2.11 6.56
C PHE A 182 -33.12 -1.86 7.23
N ALA A 183 -34.03 -2.85 7.17
CA ALA A 183 -35.34 -2.72 7.79
C ALA A 183 -35.23 -2.48 9.30
N LYS A 184 -34.35 -3.23 9.99
CA LYS A 184 -34.18 -3.03 11.42
C LYS A 184 -33.81 -1.58 11.73
N PHE A 185 -32.79 -1.06 11.03
CA PHE A 185 -32.35 0.32 11.22
C PHE A 185 -33.51 1.31 11.10
N ARG A 186 -34.29 1.22 10.01
CA ARG A 186 -35.38 2.16 9.82
C ARG A 186 -36.42 2.03 10.92
N ASN A 187 -36.77 0.80 11.29
CA ASN A 187 -37.76 0.56 12.33
C ASN A 187 -37.38 1.20 13.65
N ASN A 188 -36.08 1.33 13.92
CA ASN A 188 -35.58 1.92 15.15
C ASN A 188 -35.11 3.35 14.95
N GLY A 189 -35.56 4.02 13.89
CA GLY A 189 -35.33 5.43 13.72
C GLY A 189 -34.05 5.81 13.02
N LEU A 190 -33.52 4.96 12.14
CA LEU A 190 -32.31 5.25 11.38
C LEU A 190 -32.69 5.22 9.90
N MET A 191 -33.19 6.35 9.38
CA MET A 191 -33.65 6.40 8.00
C MET A 191 -32.44 6.39 7.07
N LEU A 192 -32.24 5.25 6.39
CA LEU A 192 -31.09 5.04 5.52
C LEU A 192 -31.54 5.09 4.07
N GLY A 193 -30.94 6.00 3.29
CA GLY A 193 -31.21 6.10 1.88
C GLY A 193 -30.31 5.20 1.06
N PRO A 194 -30.53 5.18 -0.26
CA PRO A 194 -29.79 4.25 -1.14
C PRO A 194 -28.28 4.22 -0.91
N THR A 195 -27.65 5.38 -0.66
CA THR A 195 -26.20 5.43 -0.57
C THR A 195 -25.66 4.75 0.69
N PHE A 196 -26.49 4.55 1.71
CA PHE A 196 -26.11 3.83 2.90
C PHE A 196 -26.75 2.44 2.97
N ARG A 197 -27.44 2.03 1.91
CA ARG A 197 -27.88 0.66 1.70
C ARG A 197 -26.96 0.06 0.63
N VAL A 198 -25.80 -0.44 1.06
CA VAL A 198 -24.74 -0.83 0.14
C VAL A 198 -24.24 -2.26 0.40
N ILE A 199 -24.80 -2.97 1.35
CA ILE A 199 -24.44 -4.37 1.57
C ILE A 199 -25.22 -5.22 0.57
N SER A 200 -24.51 -5.79 -0.41
CA SER A 200 -25.15 -6.65 -1.40
C SER A 200 -25.32 -8.08 -0.89
N ARG A 201 -24.40 -8.54 -0.04
CA ARG A 201 -24.45 -9.91 0.46
C ARG A 201 -23.88 -9.93 1.88
N LEU A 202 -24.33 -10.89 2.66
CA LEU A 202 -23.98 -10.95 4.07
C LEU A 202 -24.04 -12.39 4.55
N LYS A 203 -22.98 -12.84 5.22
CA LYS A 203 -22.85 -14.22 5.67
C LYS A 203 -22.34 -14.19 7.10
N TYR A 204 -22.66 -15.23 7.88
CA TYR A 204 -22.31 -15.16 9.29
C TYR A 204 -22.14 -16.55 9.89
N GLY A 205 -21.62 -16.55 11.10
CA GLY A 205 -21.37 -17.73 11.90
C GLY A 205 -21.24 -17.29 13.33
N GLU A 206 -20.86 -18.23 14.20
CA GLU A 206 -20.75 -17.89 15.62
C GLU A 206 -19.69 -16.82 15.80
N LEU A 207 -20.09 -15.68 16.34
CA LEU A 207 -19.18 -14.57 16.60
C LEU A 207 -18.45 -14.16 15.34
N ARG A 208 -19.17 -14.09 14.23
CA ARG A 208 -18.58 -13.89 12.91
C ARG A 208 -19.57 -13.17 12.01
N SER A 209 -19.03 -12.51 10.98
CA SER A 209 -19.84 -11.93 9.92
C SER A 209 -18.96 -11.71 8.70
N LEU A 210 -19.58 -11.73 7.52
CA LEU A 210 -18.90 -11.44 6.26
C LEU A 210 -19.87 -10.72 5.34
N GLY A 211 -19.55 -9.48 4.99
CA GLY A 211 -20.42 -8.66 4.16
C GLY A 211 -19.73 -8.16 2.90
N ARG A 212 -20.52 -8.06 1.84
CA ARG A 212 -20.01 -7.53 0.58
C ARG A 212 -20.52 -6.10 0.48
N ILE A 213 -19.61 -5.15 0.39
CA ILE A 213 -19.95 -3.73 0.34
C ILE A 213 -19.68 -3.22 -1.07
N ASP A 214 -20.71 -2.68 -1.71
CA ASP A 214 -20.61 -2.17 -3.08
C ASP A 214 -20.76 -0.67 -3.13
N THR A 215 -19.83 -0.03 -3.83
CA THR A 215 -19.96 1.42 -4.02
C THR A 215 -21.16 1.62 -4.96
N PRO A 216 -22.19 2.38 -4.55
CA PRO A 216 -23.36 2.62 -5.40
C PRO A 216 -23.03 3.62 -6.50
N ASP A 217 -23.86 3.60 -7.54
CA ASP A 217 -23.67 4.50 -8.68
C ASP A 217 -23.66 5.96 -8.26
N THR A 218 -24.48 6.32 -7.27
CA THR A 218 -24.64 7.72 -6.89
C THR A 218 -23.32 8.37 -6.49
N ILE A 219 -22.38 7.60 -5.94
CA ILE A 219 -21.10 8.13 -5.50
C ILE A 219 -19.93 7.53 -6.26
N ALA A 220 -20.19 6.54 -7.13
CA ALA A 220 -19.14 5.93 -7.96
C ALA A 220 -18.17 6.97 -8.51
N ASP A 221 -18.71 8.07 -9.04
CA ASP A 221 -17.90 9.10 -9.66
C ASP A 221 -16.99 9.80 -8.65
N GLU A 222 -17.34 9.77 -7.36
CA GLU A 222 -16.64 10.54 -6.34
C GLU A 222 -15.81 9.69 -5.39
N ALA A 223 -16.06 8.38 -5.32
CA ALA A 223 -15.45 7.50 -4.33
C ALA A 223 -13.94 7.31 -4.52
N PRO A 224 -13.43 7.19 -5.75
CA PRO A 224 -11.96 7.09 -5.90
C PRO A 224 -11.19 8.26 -5.32
N ARG A 225 -11.85 9.39 -5.07
CA ARG A 225 -11.15 10.52 -4.46
C ARG A 225 -11.01 10.34 -2.95
N HIS A 226 -11.95 9.64 -2.32
CA HIS A 226 -11.80 9.26 -0.92
C HIS A 226 -10.79 8.13 -0.79
N LEU A 227 -10.36 7.90 0.46
CA LEU A 227 -9.60 6.70 0.77
C LEU A 227 -10.54 5.52 0.96
N ILE A 228 -11.49 5.64 1.89
CA ILE A 228 -12.60 4.72 2.07
C ILE A 228 -13.84 5.57 2.30
N HIS A 229 -14.70 5.68 1.29
CA HIS A 229 -15.87 6.55 1.38
C HIS A 229 -16.63 6.28 2.67
N PRO A 230 -17.07 7.32 3.39
CA PRO A 230 -17.80 7.11 4.65
C PRO A 230 -18.98 6.15 4.56
N ALA A 231 -19.73 6.20 3.46
CA ALA A 231 -20.85 5.27 3.29
C ALA A 231 -20.40 3.82 3.44
N LEU A 232 -19.30 3.45 2.77
CA LEU A 232 -18.81 2.09 2.88
C LEU A 232 -18.20 1.83 4.25
N LEU A 233 -17.61 2.86 4.87
CA LEU A 233 -17.05 2.72 6.20
C LEU A 233 -18.15 2.45 7.23
N ASP A 234 -19.27 3.18 7.13
CA ASP A 234 -20.43 2.91 7.96
C ASP A 234 -20.94 1.48 7.77
N ALA A 235 -21.03 1.04 6.50
CA ALA A 235 -21.52 -0.30 6.21
C ALA A 235 -20.68 -1.39 6.87
N CYS A 236 -19.37 -1.13 7.05
CA CYS A 236 -18.53 -2.08 7.78
C CYS A 236 -19.07 -2.31 9.19
N PHE A 237 -19.49 -1.24 9.86
CA PHE A 237 -20.04 -1.40 11.21
C PHE A 237 -21.43 -2.04 11.17
N GLN A 238 -22.22 -1.70 10.15
CA GLN A 238 -23.46 -2.44 9.89
C GLN A 238 -23.20 -3.94 9.82
N SER A 239 -22.20 -4.34 9.02
CA SER A 239 -21.86 -5.75 8.88
C SER A 239 -21.52 -6.39 10.22
N LEU A 240 -20.70 -5.71 11.03
CA LEU A 240 -20.27 -6.28 12.30
C LEU A 240 -21.43 -6.51 13.25
N SER A 241 -22.47 -5.69 13.18
CA SER A 241 -23.61 -5.82 14.08
C SER A 241 -24.29 -7.19 13.96
N ILE A 242 -24.05 -7.90 12.86
CA ILE A 242 -24.65 -9.22 12.65
C ILE A 242 -23.87 -10.33 13.32
N ALA A 243 -22.73 -10.02 13.95
CA ALA A 243 -21.93 -11.05 14.60
C ALA A 243 -22.38 -11.32 16.03
N MET A 244 -22.81 -10.29 16.75
CA MET A 244 -23.39 -10.46 18.08
C MET A 244 -24.83 -10.93 18.01
N GLY A 245 -25.59 -10.38 17.09
CA GLY A 245 -27.03 -10.61 17.06
C GLY A 245 -27.37 -12.07 16.82
N ASN A 246 -28.43 -12.53 17.50
CA ASN A 246 -28.91 -13.90 17.38
C ASN A 246 -30.38 -13.85 17.01
N ASP A 247 -30.71 -14.43 15.86
CA ASP A 247 -32.10 -14.55 15.42
C ASP A 247 -32.99 -15.23 16.45
N ASP A 252 -35.67 -8.78 17.49
CA ASP A 252 -34.28 -8.36 17.58
C ASP A 252 -34.18 -6.85 17.37
N LYS A 253 -33.98 -6.08 18.46
CA LYS A 253 -34.13 -4.62 18.38
C LYS A 253 -33.16 -3.94 19.38
N THR A 254 -31.88 -3.87 19.01
CA THR A 254 -30.94 -3.04 19.77
C THR A 254 -29.93 -2.52 18.76
N LEU A 255 -30.05 -1.23 18.44
CA LEU A 255 -29.12 -0.59 17.52
C LEU A 255 -27.83 -0.25 18.23
N TYR A 256 -26.71 -0.37 17.51
CA TYR A 256 -25.40 -0.01 18.01
C TYR A 256 -24.79 1.05 17.11
N ILE A 257 -24.01 1.95 17.71
CA ILE A 257 -23.36 3.03 16.95
C ILE A 257 -21.93 3.14 17.39
N PRO A 258 -21.03 3.48 16.47
CA PRO A 258 -19.61 3.61 16.78
C PRO A 258 -19.35 4.45 18.03
N PHE A 259 -18.47 3.95 18.89
CA PHE A 259 -18.21 4.55 20.20
C PHE A 259 -16.71 4.67 20.45
N ASP A 260 -15.99 3.55 20.38
CA ASP A 260 -14.54 3.53 20.55
C ASP A 260 -13.91 2.66 19.47
N VAL A 261 -12.65 2.97 19.17
CA VAL A 261 -11.79 2.16 18.30
C VAL A 261 -10.37 2.21 18.85
N ARG A 262 -9.83 1.06 19.25
CA ARG A 262 -8.45 1.06 19.73
C ARG A 262 -7.49 1.41 18.61
N ARG A 263 -7.66 0.79 17.43
CA ARG A 263 -6.81 1.10 16.29
C ARG A 263 -7.57 0.90 14.99
N PHE A 264 -7.53 1.92 14.14
CA PHE A 264 -7.86 1.82 12.72
C PHE A 264 -6.59 2.02 11.92
N SER A 265 -6.20 1.01 11.14
CA SER A 265 -5.00 1.06 10.31
C SER A 265 -5.40 1.00 8.83
N PHE A 266 -5.14 2.09 8.11
CA PHE A 266 -5.41 2.17 6.69
C PHE A 266 -4.21 1.65 5.90
N HIS A 267 -4.47 0.78 4.92
CA HIS A 267 -3.42 0.16 4.12
C HIS A 267 -3.52 0.43 2.63
N ALA A 268 -4.74 0.54 2.08
CA ALA A 268 -4.91 0.72 0.65
C ALA A 268 -6.31 1.22 0.36
N LYS A 269 -6.42 2.04 -0.69
CA LYS A 269 -7.71 2.61 -1.08
C LYS A 269 -8.75 1.52 -1.34
N ALA A 270 -10.00 1.82 -0.96
CA ALA A 270 -11.12 0.95 -1.26
C ALA A 270 -11.43 0.93 -2.76
N GLY A 271 -11.80 -0.25 -3.26
CA GLY A 271 -12.32 -0.40 -4.60
C GLY A 271 -13.85 -0.42 -4.63
N LYS A 272 -14.38 -0.80 -5.80
CA LYS A 272 -15.82 -0.75 -6.00
C LYS A 272 -16.55 -1.86 -5.25
N ARG A 273 -15.83 -2.95 -4.96
CA ARG A 273 -16.40 -4.07 -4.18
C ARG A 273 -15.51 -4.29 -2.96
N LEU A 274 -16.10 -4.64 -1.83
CA LEU A 274 -15.36 -4.78 -0.59
C LEU A 274 -15.93 -5.93 0.23
N TYR A 275 -15.04 -6.67 0.89
CA TYR A 275 -15.41 -7.77 1.76
C TYR A 275 -14.97 -7.43 3.18
N CYS A 276 -15.93 -7.23 4.08
CA CYS A 276 -15.66 -6.89 5.47
C CYS A 276 -15.89 -8.12 6.35
N TYR A 277 -14.82 -8.64 6.93
CA TYR A 277 -14.89 -9.80 7.82
C TYR A 277 -14.76 -9.34 9.27
N GLY A 278 -15.81 -9.53 10.05
CA GLY A 278 -15.84 -9.14 11.46
C GLY A 278 -15.85 -10.33 12.40
N GLN A 279 -15.22 -10.16 13.57
CA GLN A 279 -15.26 -11.12 14.66
C GLN A 279 -15.59 -10.38 15.94
N ALA A 280 -16.78 -10.62 16.48
CA ALA A 280 -17.25 -9.95 17.68
C ALA A 280 -16.53 -10.47 18.91
N HIS A 281 -16.49 -9.64 19.96
CA HIS A 281 -16.01 -10.04 21.27
C HIS A 281 -17.22 -10.13 22.19
N VAL A 282 -17.24 -11.13 23.07
CA VAL A 282 -18.33 -11.28 24.02
C VAL A 282 -17.99 -10.61 25.35
N ILE A 286 -22.54 -5.43 28.68
CA ILE A 286 -23.82 -4.70 28.88
C ILE A 286 -24.46 -4.42 27.53
N ALA A 287 -24.45 -3.17 27.11
CA ALA A 287 -25.00 -2.76 25.80
C ALA A 287 -23.87 -2.13 24.98
N TYR A 288 -22.65 -2.64 25.18
CA TYR A 288 -21.52 -2.16 24.40
C TYR A 288 -21.01 -3.32 23.56
N CYS A 289 -21.26 -3.26 22.26
CA CYS A 289 -20.73 -4.26 21.34
C CYS A 289 -19.31 -3.90 20.92
N GLU A 290 -18.52 -4.94 20.62
CA GLU A 290 -17.14 -4.73 20.23
C GLU A 290 -16.73 -5.86 19.28
N GLY A 291 -15.79 -5.55 18.38
CA GLY A 291 -15.34 -6.53 17.41
C GLY A 291 -14.12 -6.04 16.67
N ASP A 292 -13.47 -6.97 15.98
CA ASP A 292 -12.34 -6.68 15.11
C ASP A 292 -12.75 -6.84 13.66
N LEU A 293 -12.21 -6.00 12.79
CA LEU A 293 -12.61 -5.94 11.39
C LEU A 293 -11.40 -6.01 10.48
N TRP A 294 -11.57 -6.69 9.35
CA TRP A 294 -10.54 -6.77 8.30
C TRP A 294 -11.20 -6.47 6.96
N LEU A 295 -10.80 -5.37 6.32
CA LEU A 295 -11.37 -4.92 5.06
C LEU A 295 -10.51 -5.40 3.89
N PHE A 296 -11.16 -6.03 2.91
CA PHE A 296 -10.46 -6.57 1.74
C PHE A 296 -11.11 -6.04 0.46
N ASN A 297 -10.28 -5.86 -0.56
CA ASN A 297 -10.72 -5.62 -1.93
C ASN A 297 -10.98 -6.95 -2.62
N GLU A 298 -11.47 -6.88 -3.87
CA GLU A 298 -11.87 -8.11 -4.56
C GLU A 298 -10.69 -9.03 -4.80
N ASP A 299 -9.53 -8.47 -5.16
CA ASP A 299 -8.34 -9.25 -5.41
C ASP A 299 -7.68 -9.77 -4.14
N GLY A 300 -8.20 -9.41 -2.97
CA GLY A 300 -7.64 -9.85 -1.72
C GLY A 300 -6.66 -8.90 -1.09
N GLU A 301 -6.52 -7.69 -1.63
CA GLU A 301 -5.68 -6.66 -1.02
C GLU A 301 -6.37 -6.14 0.24
N LEU A 302 -5.72 -6.35 1.39
CA LEU A 302 -6.21 -5.74 2.63
C LEU A 302 -6.30 -4.23 2.46
N VAL A 303 -7.44 -3.67 2.86
CA VAL A 303 -7.66 -2.23 2.78
C VAL A 303 -7.48 -1.57 4.14
N ALA A 304 -8.11 -2.12 5.18
CA ALA A 304 -8.00 -1.53 6.51
C ALA A 304 -8.20 -2.61 7.57
N GLU A 305 -7.56 -2.41 8.71
CA GLU A 305 -7.74 -3.27 9.89
C GLU A 305 -8.32 -2.44 11.03
N PHE A 306 -9.42 -2.92 11.62
CA PHE A 306 -9.97 -2.36 12.85
C PHE A 306 -9.68 -3.29 14.01
N GLU A 307 -9.05 -2.76 15.05
CA GLU A 307 -8.87 -3.46 16.31
C GLU A 307 -9.66 -2.75 17.41
N GLY A 308 -10.55 -3.48 18.07
CA GLY A 308 -11.28 -2.95 19.21
C GLY A 308 -12.35 -1.93 18.85
N PHE A 309 -13.16 -2.25 17.84
CA PHE A 309 -14.23 -1.37 17.36
C PHE A 309 -15.45 -1.52 18.27
N LYS A 310 -15.44 -0.77 19.37
CA LYS A 310 -16.54 -0.80 20.32
C LYS A 310 -17.73 0.01 19.82
N GLY A 311 -18.93 -0.39 20.26
CA GLY A 311 -20.16 0.29 19.88
C GLY A 311 -21.06 0.48 21.08
N LYS A 312 -22.14 1.24 20.87
CA LYS A 312 -23.06 1.58 21.96
C LYS A 312 -24.47 1.75 21.41
N SER A 313 -25.45 1.34 22.20
CA SER A 313 -26.85 1.56 21.86
C SER A 313 -27.21 3.05 21.93
N GLN B 35 -2.13 -11.31 -18.27
CA GLN B 35 -2.38 -10.06 -17.56
C GLN B 35 -1.58 -10.00 -16.27
N GLY B 36 -1.18 -11.18 -15.79
CA GLY B 36 -0.44 -11.30 -14.55
C GLY B 36 0.99 -10.80 -14.66
N HIS B 37 1.70 -10.90 -13.54
CA HIS B 37 3.09 -10.47 -13.45
C HIS B 37 3.92 -11.27 -14.47
N PRO B 38 4.65 -10.60 -15.37
CA PRO B 38 5.26 -11.32 -16.50
C PRO B 38 6.40 -12.24 -16.12
N LEU B 39 6.96 -12.13 -14.92
CA LEU B 39 8.10 -12.96 -14.54
C LEU B 39 7.73 -14.14 -13.66
N VAL B 40 6.46 -14.26 -13.26
CA VAL B 40 6.01 -15.42 -12.52
C VAL B 40 5.43 -16.44 -13.50
N GLY B 41 5.90 -17.67 -13.41
CA GLY B 41 5.53 -18.72 -14.33
C GLY B 41 4.59 -19.75 -13.73
N THR B 42 4.46 -20.87 -14.45
CA THR B 42 3.61 -21.97 -14.02
C THR B 42 4.04 -22.49 -12.65
N ARG B 43 3.05 -22.87 -11.84
CA ARG B 43 3.28 -23.50 -10.56
C ARG B 43 2.51 -24.81 -10.51
N SER B 44 3.17 -25.87 -10.02
CA SER B 44 2.62 -27.22 -9.99
C SER B 44 2.68 -27.76 -8.57
N PRO B 45 1.69 -27.45 -7.73
CA PRO B 45 1.73 -27.87 -6.32
C PRO B 45 1.93 -29.37 -6.12
N VAL B 46 3.03 -29.73 -5.47
CA VAL B 46 3.41 -31.12 -5.25
C VAL B 46 2.74 -31.65 -3.99
N ALA B 47 2.33 -32.92 -4.02
CA ALA B 47 1.47 -33.47 -2.97
C ALA B 47 2.21 -33.61 -1.65
N ASP B 48 3.34 -34.31 -1.65
CA ASP B 48 4.07 -34.56 -0.40
C ASP B 48 4.85 -33.35 0.09
N GLU B 49 4.65 -32.18 -0.53
CA GLU B 49 5.33 -30.95 -0.14
C GLU B 49 4.26 -29.87 -0.20
N PRO B 50 3.52 -29.68 0.90
CA PRO B 50 2.31 -28.82 0.83
C PRO B 50 2.58 -27.33 0.94
N ASP B 51 3.59 -26.92 1.69
CA ASP B 51 3.92 -25.51 1.87
C ASP B 51 5.08 -25.07 1.00
N LYS B 52 5.41 -25.84 -0.04
CA LYS B 52 6.49 -25.51 -0.96
C LYS B 52 5.89 -25.01 -2.27
N TYR B 53 6.51 -23.96 -2.82
CA TYR B 53 6.02 -23.33 -4.04
C TYR B 53 7.17 -23.23 -5.04
N VAL B 54 6.91 -23.64 -6.28
CA VAL B 54 7.90 -23.61 -7.35
C VAL B 54 7.26 -23.00 -8.58
N TRP B 55 7.83 -21.91 -9.08
CA TRP B 55 7.43 -21.30 -10.34
C TRP B 55 8.52 -21.53 -11.38
N GLU B 56 8.08 -21.83 -12.60
CA GLU B 56 9.01 -22.14 -13.71
C GLU B 56 8.76 -21.16 -14.85
N LEU B 57 9.82 -20.70 -15.49
CA LEU B 57 9.72 -19.68 -16.53
C LEU B 57 10.86 -19.86 -17.53
N THR B 58 10.53 -19.78 -18.81
CA THR B 58 11.54 -19.73 -19.87
C THR B 58 11.87 -18.27 -20.15
N MET B 59 13.08 -17.86 -19.81
CA MET B 59 13.50 -16.46 -19.93
C MET B 59 14.15 -16.25 -21.30
N ASP B 60 13.31 -16.11 -22.32
CA ASP B 60 13.73 -15.89 -23.69
C ASP B 60 13.56 -14.43 -24.08
N THR B 61 14.30 -14.04 -25.12
CA THR B 61 14.25 -12.65 -25.59
C THR B 61 12.92 -12.33 -26.24
N ASP B 62 12.23 -13.32 -26.81
CA ASP B 62 10.94 -13.05 -27.43
C ASP B 62 9.92 -12.61 -26.39
N THR B 63 9.87 -13.31 -25.25
CA THR B 63 8.97 -12.90 -24.18
C THR B 63 9.45 -11.62 -23.49
N PHE B 64 10.76 -11.39 -23.45
CA PHE B 64 11.33 -10.24 -22.76
C PHE B 64 12.39 -9.59 -23.64
N PRO B 65 11.97 -8.78 -24.62
CA PRO B 65 12.96 -8.14 -25.51
C PRO B 65 13.95 -7.24 -24.77
N TRP B 66 13.51 -6.57 -23.70
CA TRP B 66 14.40 -5.68 -22.95
C TRP B 66 15.64 -6.38 -22.42
N LEU B 67 15.62 -7.71 -22.29
CA LEU B 67 16.80 -8.45 -21.85
C LEU B 67 18.02 -8.11 -22.69
N GLU B 68 17.81 -7.76 -23.96
CA GLU B 68 18.90 -7.43 -24.87
C GLU B 68 19.77 -6.30 -24.33
N ASP B 69 19.18 -5.36 -23.60
CA ASP B 69 19.83 -4.09 -23.29
C ASP B 69 20.66 -4.11 -22.01
N HIS B 70 20.95 -5.29 -21.43
CA HIS B 70 21.84 -5.39 -20.27
C HIS B 70 22.82 -6.53 -20.50
N ARG B 71 23.86 -6.26 -21.27
CA ARG B 71 24.92 -7.23 -21.52
C ARG B 71 26.16 -6.87 -20.70
N VAL B 72 26.87 -7.89 -20.23
CA VAL B 72 28.05 -7.73 -19.39
C VAL B 72 29.19 -8.47 -20.07
N GLN B 73 30.12 -7.73 -20.69
CA GLN B 73 31.24 -8.31 -21.41
C GLN B 73 30.78 -9.27 -22.50
N GLY B 74 29.63 -8.99 -23.10
CA GLY B 74 29.12 -9.79 -24.19
C GLY B 74 27.76 -10.40 -23.92
N PRO B 75 27.69 -11.40 -23.03
CA PRO B 75 26.43 -12.12 -22.85
C PRO B 75 25.37 -11.30 -22.14
N ILE B 76 24.11 -11.62 -22.43
CA ILE B 76 22.98 -11.00 -21.76
C ILE B 76 22.88 -11.54 -20.34
N VAL B 77 22.74 -10.63 -19.38
CA VAL B 77 22.61 -11.00 -17.97
C VAL B 77 21.29 -10.43 -17.46
N PHE B 78 20.46 -11.31 -16.91
CA PHE B 78 19.33 -10.86 -16.09
C PHE B 78 19.87 -10.03 -14.93
N PRO B 79 19.47 -8.77 -14.80
CA PRO B 79 20.07 -7.90 -13.78
C PRO B 79 19.81 -8.44 -12.37
N GLY B 80 20.89 -8.51 -11.58
CA GLY B 80 20.77 -8.96 -10.21
C GLY B 80 19.71 -8.21 -9.42
N ALA B 81 19.46 -6.95 -9.78
CA ALA B 81 18.37 -6.21 -9.15
C ALA B 81 17.02 -6.84 -9.49
N GLY B 82 16.84 -7.27 -10.75
CA GLY B 82 15.58 -7.85 -11.18
C GLY B 82 15.04 -8.96 -10.31
N HIS B 83 15.93 -9.67 -9.59
CA HIS B 83 15.49 -10.78 -8.75
C HIS B 83 14.49 -10.34 -7.69
N LEU B 84 14.43 -9.05 -7.37
CA LEU B 84 13.53 -8.59 -6.32
C LEU B 84 12.10 -8.45 -6.83
N ASP B 85 11.94 -7.98 -8.08
CA ASP B 85 10.61 -7.96 -8.69
C ASP B 85 10.10 -9.37 -8.95
N LEU B 86 11.02 -10.32 -9.19
CA LEU B 86 10.66 -11.70 -9.46
C LEU B 86 10.09 -12.37 -8.20
N VAL B 87 10.90 -12.44 -7.14
CA VAL B 87 10.52 -13.15 -5.93
C VAL B 87 9.24 -12.56 -5.33
N VAL B 88 9.12 -11.22 -5.32
CA VAL B 88 7.96 -10.61 -4.68
C VAL B 88 6.72 -10.80 -5.54
N GLY B 89 6.88 -10.77 -6.86
CA GLY B 89 5.77 -11.12 -7.73
C GLY B 89 5.30 -12.55 -7.53
N CYS B 90 6.26 -13.47 -7.29
CA CYS B 90 5.91 -14.86 -7.00
C CYS B 90 5.15 -14.97 -5.68
N ALA B 91 5.72 -14.42 -4.61
CA ALA B 91 5.05 -14.40 -3.32
C ALA B 91 3.66 -13.80 -3.41
N THR B 92 3.52 -12.70 -4.15
CA THR B 92 2.21 -12.09 -4.37
C THR B 92 1.22 -13.10 -4.92
N GLU B 93 1.65 -13.91 -5.89
CA GLU B 93 0.74 -14.87 -6.51
C GLU B 93 0.31 -15.95 -5.51
N ALA B 94 1.21 -16.33 -4.61
CA ALA B 94 0.89 -17.37 -3.63
C ALA B 94 -0.03 -16.84 -2.54
N PHE B 95 0.30 -15.68 -1.97
CA PHE B 95 -0.32 -15.22 -0.73
C PHE B 95 -1.22 -14.00 -0.89
N GLY B 96 -1.01 -13.17 -1.91
CA GLY B 96 -1.91 -12.08 -2.21
C GLY B 96 -1.21 -10.75 -2.31
N PRO B 97 -1.94 -9.71 -2.72
CA PRO B 97 -1.35 -8.38 -2.84
C PRO B 97 -1.13 -7.75 -1.47
N GLY B 98 -0.06 -6.96 -1.37
CA GLY B 98 0.28 -6.27 -0.14
C GLY B 98 1.78 -6.06 -0.05
N ARG B 99 2.26 -5.82 1.17
CA ARG B 99 3.68 -5.58 1.42
C ARG B 99 4.39 -6.90 1.69
N TYR B 100 5.55 -7.06 1.07
CA TYR B 100 6.43 -8.20 1.30
C TYR B 100 7.84 -7.68 1.54
N SER B 101 8.63 -8.43 2.30
CA SER B 101 9.99 -8.04 2.64
C SER B 101 10.93 -9.21 2.37
N VAL B 102 12.03 -8.92 1.68
CA VAL B 102 12.99 -9.92 1.24
C VAL B 102 14.29 -9.63 1.97
N GLU B 103 14.67 -10.51 2.89
CA GLU B 103 15.73 -10.23 3.84
C GLU B 103 16.92 -11.16 3.63
N ASN B 104 18.13 -10.63 3.83
CA ASN B 104 19.38 -11.37 3.68
C ASN B 104 19.50 -12.02 2.31
N VAL B 105 19.19 -11.23 1.28
CA VAL B 105 19.42 -11.66 -0.10
C VAL B 105 20.92 -11.74 -0.36
N GLU B 106 21.36 -12.87 -0.90
CA GLU B 106 22.70 -13.03 -1.44
C GLU B 106 22.62 -13.23 -2.94
N PHE B 107 23.36 -12.43 -3.70
CA PHE B 107 23.62 -12.68 -5.11
C PHE B 107 25.03 -13.25 -5.29
N ARG B 108 25.15 -14.41 -5.95
CA ARG B 108 26.43 -15.08 -6.13
C ARG B 108 26.72 -15.33 -7.61
N ARG B 109 25.84 -16.01 -8.33
CA ARG B 109 26.17 -16.44 -9.67
C ARG B 109 25.27 -15.77 -10.69
N PRO B 110 25.82 -15.14 -11.72
CA PRO B 110 24.99 -14.43 -12.71
C PRO B 110 24.11 -15.38 -13.51
N LEU B 111 22.94 -14.86 -13.89
CA LEU B 111 21.99 -15.57 -14.73
C LEU B 111 22.17 -15.09 -16.17
N PHE B 112 22.65 -15.98 -17.04
CA PHE B 112 22.96 -15.65 -18.42
C PHE B 112 21.83 -16.05 -19.35
N VAL B 113 21.57 -15.21 -20.35
CA VAL B 113 20.75 -15.59 -21.49
C VAL B 113 21.63 -15.54 -22.74
N PHE B 114 22.40 -16.61 -22.96
CA PHE B 114 23.33 -16.70 -24.08
C PHE B 114 22.62 -16.55 -25.42
N ASP B 115 23.41 -16.19 -26.44
CA ASP B 115 22.89 -16.07 -27.80
C ASP B 115 23.02 -17.35 -28.59
N ASP B 116 23.96 -18.21 -28.23
CA ASP B 116 24.25 -19.43 -28.98
C ASP B 116 23.35 -20.60 -28.59
N ARG B 117 22.94 -20.66 -27.33
CA ARG B 117 22.11 -21.72 -26.79
C ARG B 117 20.67 -21.25 -26.67
N PRO B 118 19.71 -22.17 -26.54
CA PRO B 118 18.31 -21.75 -26.33
C PRO B 118 18.11 -21.15 -24.95
N ALA B 119 16.97 -20.46 -24.83
CA ALA B 119 16.60 -19.75 -23.60
C ALA B 119 16.75 -20.65 -22.38
N PRO B 120 17.30 -20.13 -21.28
CA PRO B 120 17.41 -20.93 -20.05
C PRO B 120 16.07 -21.08 -19.36
N LEU B 121 16.01 -22.09 -18.49
CA LEU B 121 14.87 -22.31 -17.61
C LEU B 121 15.18 -21.75 -16.24
N VAL B 122 14.18 -21.12 -15.60
CA VAL B 122 14.37 -20.41 -14.34
C VAL B 122 13.33 -20.92 -13.35
N GLN B 123 13.78 -21.23 -12.13
CA GLN B 123 12.92 -21.76 -11.08
C GLN B 123 13.05 -20.91 -9.83
N VAL B 124 11.93 -20.38 -9.36
CA VAL B 124 11.83 -19.76 -8.03
C VAL B 124 11.35 -20.82 -7.05
N VAL B 125 12.24 -21.26 -6.16
CA VAL B 125 11.92 -22.25 -5.14
C VAL B 125 11.69 -21.55 -3.81
N LEU B 126 10.47 -21.62 -3.30
CA LEU B 126 10.12 -21.10 -1.98
C LEU B 126 9.85 -22.27 -1.03
N SER B 127 10.63 -22.36 0.04
CA SER B 127 10.50 -23.44 1.01
C SER B 127 9.37 -23.15 1.99
N PRO B 128 8.93 -24.15 2.75
CA PRO B 128 7.98 -23.88 3.84
C PRO B 128 8.51 -22.91 4.88
N SER B 129 9.82 -22.93 5.14
CA SER B 129 10.45 -22.04 6.09
C SER B 129 10.60 -20.61 5.56
N MET B 130 9.96 -20.31 4.44
CA MET B 130 9.99 -19.02 3.76
C MET B 130 11.38 -18.67 3.24
N HIS B 131 12.30 -19.63 3.19
CA HIS B 131 13.56 -19.45 2.50
C HIS B 131 13.36 -19.66 1.00
N PHE B 132 13.98 -18.79 0.19
CA PHE B 132 13.82 -18.84 -1.26
C PHE B 132 15.16 -19.02 -1.95
N GLY B 133 15.11 -19.58 -3.15
CA GLY B 133 16.24 -19.63 -4.05
C GLY B 133 15.81 -19.46 -5.49
N VAL B 134 16.63 -18.78 -6.29
CA VAL B 134 16.38 -18.63 -7.73
C VAL B 134 17.42 -19.45 -8.47
N TYR B 135 16.95 -20.35 -9.33
CA TYR B 135 17.80 -21.33 -10.00
C TYR B 135 17.64 -21.20 -11.50
N SER B 136 18.67 -21.64 -12.24
CA SER B 136 18.60 -21.70 -13.68
C SER B 136 19.29 -22.95 -14.21
N LEU B 137 18.77 -23.46 -15.31
CA LEU B 137 19.34 -24.61 -16.01
C LEU B 137 19.43 -24.28 -17.49
N GLN B 138 20.64 -24.35 -18.04
CA GLN B 138 20.78 -24.27 -19.48
C GLN B 138 20.60 -25.67 -20.05
N ASP B 139 20.13 -25.76 -21.29
CA ASP B 139 19.80 -27.07 -21.85
C ASP B 139 21.05 -27.93 -21.97
N GLY B 140 20.90 -29.20 -21.59
CA GLY B 140 22.01 -30.13 -21.58
C GLY B 140 22.92 -30.03 -20.38
N ASP B 141 22.62 -29.14 -19.42
CA ASP B 141 23.42 -29.02 -18.21
C ASP B 141 22.98 -30.09 -17.21
N LYS B 142 23.95 -30.61 -16.46
CA LYS B 142 23.63 -31.64 -15.49
C LYS B 142 23.10 -31.04 -14.19
N GLU B 143 23.51 -29.82 -13.85
CA GLU B 143 23.23 -29.22 -12.56
C GLU B 143 22.55 -27.86 -12.73
N TRP B 144 21.66 -27.55 -11.79
CA TRP B 144 21.08 -26.21 -11.70
C TRP B 144 22.09 -25.27 -11.06
N VAL B 145 22.01 -24.00 -11.42
CA VAL B 145 22.86 -22.94 -10.87
C VAL B 145 22.03 -22.06 -9.95
N LEU B 146 22.46 -21.92 -8.70
CA LEU B 146 21.83 -21.01 -7.75
C LEU B 146 22.32 -19.58 -8.01
N HIS B 147 21.37 -18.67 -8.29
CA HIS B 147 21.68 -17.27 -8.52
C HIS B 147 21.39 -16.37 -7.33
N SER B 148 20.23 -16.55 -6.69
CA SER B 148 19.84 -15.72 -5.56
C SER B 148 19.38 -16.60 -4.41
N GLU B 149 19.52 -16.09 -3.20
CA GLU B 149 19.24 -16.87 -1.99
C GLU B 149 18.86 -15.93 -0.85
N GLY B 150 17.78 -16.24 -0.15
CA GLY B 150 17.38 -15.41 0.96
C GLY B 150 16.06 -15.89 1.54
N THR B 151 15.52 -15.06 2.43
CA THR B 151 14.19 -15.27 2.98
C THR B 151 13.22 -14.24 2.40
N VAL B 152 11.93 -14.47 2.64
CA VAL B 152 10.88 -13.54 2.24
C VAL B 152 9.70 -13.73 3.20
N ARG B 153 9.08 -12.62 3.59
CA ARG B 153 7.92 -12.66 4.47
C ARG B 153 6.89 -11.63 4.04
N ALA B 154 5.66 -11.84 4.49
CA ALA B 154 4.62 -10.83 4.33
C ALA B 154 4.85 -9.67 5.27
N GLY B 155 4.62 -8.46 4.76
CA GLY B 155 4.69 -7.26 5.57
C GLY B 155 6.05 -6.58 5.51
N ALA B 156 6.11 -5.40 6.11
CA ALA B 156 7.30 -4.57 6.07
C ALA B 156 7.26 -3.62 7.26
N PRO B 157 8.42 -3.20 7.78
CA PRO B 157 8.44 -2.16 8.81
C PRO B 157 7.95 -0.83 8.25
N ASP B 158 7.53 0.05 9.15
CA ASP B 158 7.23 1.41 8.78
C ASP B 158 8.49 2.08 8.24
N ALA B 159 8.38 2.70 7.06
CA ALA B 159 9.55 3.22 6.37
C ALA B 159 9.93 4.57 6.94
N GLU B 160 11.24 4.78 7.08
CA GLU B 160 11.83 5.93 7.78
C GLU B 160 12.77 6.69 6.86
N PRO B 161 12.25 7.48 5.93
CA PRO B 161 13.12 8.36 5.13
C PRO B 161 13.79 9.39 6.01
N PRO B 162 15.11 9.58 5.88
CA PRO B 162 15.77 10.61 6.69
C PRO B 162 15.47 12.02 6.24
N VAL B 163 15.01 12.19 5.00
CA VAL B 163 14.62 13.49 4.47
C VAL B 163 13.27 13.31 3.78
N PRO B 164 12.25 14.08 4.14
CA PRO B 164 10.96 13.96 3.45
C PRO B 164 11.07 14.22 1.96
N PHE B 165 10.10 13.67 1.22
CA PHE B 165 10.12 13.71 -0.24
C PHE B 165 10.30 15.13 -0.77
N ALA B 166 9.56 16.09 -0.22
CA ALA B 166 9.62 17.46 -0.74
C ALA B 166 11.00 18.07 -0.56
N GLU B 167 11.65 17.79 0.58
CA GLU B 167 12.96 18.35 0.87
C GLU B 167 14.08 17.70 0.08
N LEU B 168 13.81 16.55 -0.56
CA LEU B 168 14.84 15.79 -1.26
C LEU B 168 15.62 16.65 -2.26
N GLU B 169 14.90 17.33 -3.16
CA GLU B 169 15.50 18.18 -4.18
C GLU B 169 16.64 19.05 -3.66
N ALA B 170 16.43 19.69 -2.51
CA ALA B 170 17.42 20.63 -1.99
C ALA B 170 18.54 19.94 -1.24
N HIS B 171 18.31 18.74 -0.70
CA HIS B 171 19.33 18.03 0.05
C HIS B 171 20.49 17.59 -0.83
N CYS B 172 20.26 17.42 -2.13
CA CYS B 172 21.28 17.01 -3.09
C CYS B 172 21.52 18.15 -4.09
N PRO B 173 22.46 19.05 -3.81
CA PRO B 173 22.62 20.24 -4.66
C PRO B 173 23.29 19.95 -6.00
N LEU B 174 24.42 19.26 -5.98
CA LEU B 174 25.23 19.06 -7.18
C LEU B 174 24.52 18.15 -8.17
N GLU B 175 24.70 18.43 -9.46
CA GLU B 175 24.12 17.66 -10.55
C GLU B 175 25.21 17.01 -11.37
N PHE B 176 24.93 15.80 -11.87
CA PHE B 176 25.83 15.06 -12.73
C PHE B 176 25.11 14.69 -14.02
N ASP B 177 25.88 14.58 -15.09
CA ASP B 177 25.31 14.24 -16.41
C ASP B 177 25.06 12.75 -16.50
N PRO B 178 23.82 12.31 -16.74
CA PRO B 178 23.58 10.86 -16.88
C PRO B 178 24.34 10.22 -18.02
N ALA B 179 24.60 10.96 -19.10
CA ALA B 179 25.32 10.39 -20.24
C ALA B 179 26.72 9.94 -19.86
N LYS B 180 27.33 10.59 -18.86
CA LYS B 180 28.65 10.16 -18.40
C LYS B 180 28.56 8.90 -17.57
N VAL B 181 27.49 8.74 -16.78
CA VAL B 181 27.36 7.55 -15.94
C VAL B 181 27.21 6.31 -16.82
N PHE B 182 26.32 6.39 -17.82
CA PHE B 182 26.19 5.31 -18.80
C PHE B 182 27.51 5.06 -19.52
N ALA B 183 28.24 6.13 -19.86
CA ALA B 183 29.51 5.99 -20.56
C ALA B 183 30.51 5.15 -19.76
N LYS B 184 30.61 5.41 -18.46
CA LYS B 184 31.53 4.64 -17.61
C LYS B 184 31.23 3.16 -17.66
N PHE B 185 29.96 2.78 -17.49
CA PHE B 185 29.56 1.37 -17.51
C PHE B 185 30.08 0.64 -18.75
N ARG B 186 29.79 1.16 -19.94
CA ARG B 186 30.25 0.49 -21.16
C ARG B 186 31.76 0.49 -21.27
N ASN B 187 32.42 1.59 -20.88
CA ASN B 187 33.88 1.63 -20.94
C ASN B 187 34.50 0.48 -20.16
N ASN B 188 33.82 0.00 -19.12
CA ASN B 188 34.28 -1.14 -18.34
C ASN B 188 33.51 -2.41 -18.69
N GLY B 189 32.89 -2.46 -19.87
CA GLY B 189 32.31 -3.69 -20.37
C GLY B 189 30.88 -3.96 -19.99
N LEU B 190 30.06 -2.92 -19.79
CA LEU B 190 28.65 -3.07 -19.45
C LEU B 190 27.81 -2.45 -20.57
N MET B 191 27.48 -3.24 -21.58
CA MET B 191 26.69 -2.76 -22.71
C MET B 191 25.26 -2.52 -22.26
N LEU B 192 24.88 -1.26 -22.10
CA LEU B 192 23.55 -0.88 -21.64
C LEU B 192 22.78 -0.30 -22.82
N GLY B 193 21.65 -0.92 -23.16
CA GLY B 193 20.80 -0.44 -24.21
C GLY B 193 19.78 0.56 -23.70
N PRO B 194 18.96 1.10 -24.61
CA PRO B 194 18.00 2.15 -24.22
C PRO B 194 17.18 1.83 -22.97
N THR B 195 16.73 0.58 -22.80
CA THR B 195 15.85 0.26 -21.68
C THR B 195 16.58 0.28 -20.34
N PHE B 196 17.90 0.19 -20.33
CA PHE B 196 18.68 0.31 -19.11
C PHE B 196 19.41 1.64 -19.03
N ARG B 197 19.15 2.55 -19.97
CA ARG B 197 19.54 3.94 -19.87
C ARG B 197 18.27 4.73 -19.58
N VAL B 198 17.92 4.81 -18.29
CA VAL B 198 16.62 5.34 -17.88
C VAL B 198 16.74 6.43 -16.82
N ILE B 199 17.93 6.79 -16.40
CA ILE B 199 18.11 7.91 -15.48
C ILE B 199 18.07 9.20 -16.28
N SER B 200 16.99 9.96 -16.13
CA SER B 200 16.85 11.24 -16.83
C SER B 200 17.55 12.37 -16.08
N ARG B 201 17.60 12.32 -14.76
CA ARG B 201 18.20 13.38 -13.96
C ARG B 201 18.82 12.77 -12.72
N LEU B 202 19.86 13.42 -12.19
CA LEU B 202 20.61 12.85 -11.09
C LEU B 202 21.30 13.96 -10.32
N LYS B 203 21.18 13.92 -8.99
CA LYS B 203 21.74 14.90 -8.09
C LYS B 203 22.45 14.18 -6.95
N TYR B 204 23.43 14.85 -6.34
CA TYR B 204 24.22 14.18 -5.32
C TYR B 204 24.77 15.19 -4.33
N GLY B 205 25.31 14.64 -3.25
CA GLY B 205 25.90 15.36 -2.15
C GLY B 205 26.78 14.39 -1.40
N GLU B 206 27.29 14.83 -0.24
CA GLU B 206 28.20 13.96 0.50
C GLU B 206 27.49 12.70 0.95
N LEU B 207 27.99 11.56 0.48
CA LEU B 207 27.49 10.24 0.84
C LEU B 207 25.98 10.09 0.56
N ARG B 208 25.52 10.68 -0.53
CA ARG B 208 24.10 10.65 -0.86
C ARG B 208 23.92 10.83 -2.35
N SER B 209 22.75 10.41 -2.84
CA SER B 209 22.39 10.60 -4.24
C SER B 209 20.88 10.62 -4.39
N LEU B 210 20.44 11.25 -5.49
CA LEU B 210 19.02 11.33 -5.84
C LEU B 210 18.90 11.24 -7.35
N GLY B 211 18.24 10.19 -7.83
CA GLY B 211 18.10 9.95 -9.26
C GLY B 211 16.64 9.84 -9.69
N ARG B 212 16.37 10.36 -10.89
CA ARG B 212 15.01 10.31 -11.46
C ARG B 212 14.99 9.22 -12.52
N ILE B 213 14.16 8.20 -12.31
CA ILE B 213 14.05 7.05 -13.21
C ILE B 213 12.75 7.18 -13.99
N ASP B 214 12.86 7.21 -15.32
CA ASP B 214 11.70 7.30 -16.20
C ASP B 214 11.53 6.00 -16.97
N THR B 215 10.33 5.45 -16.94
CA THR B 215 9.98 4.28 -17.73
C THR B 215 10.07 4.59 -19.21
N PRO B 216 10.88 3.87 -19.98
CA PRO B 216 10.97 4.15 -21.42
C PRO B 216 9.78 3.60 -22.18
N ASP B 217 9.58 4.14 -23.38
CA ASP B 217 8.45 3.73 -24.21
C ASP B 217 8.48 2.23 -24.50
N THR B 218 9.66 1.67 -24.72
CA THR B 218 9.80 0.27 -25.07
C THR B 218 9.19 -0.65 -24.03
N ILE B 219 9.09 -0.21 -22.78
CA ILE B 219 8.58 -1.02 -21.69
C ILE B 219 7.26 -0.50 -21.14
N ALA B 220 6.84 0.70 -21.53
CA ALA B 220 5.61 1.33 -21.06
C ALA B 220 4.39 0.41 -20.87
N ASP B 221 3.97 -0.27 -21.93
CA ASP B 221 2.77 -1.11 -21.84
C ASP B 221 2.96 -2.32 -20.93
N GLU B 222 4.20 -2.75 -20.69
CA GLU B 222 4.46 -3.99 -19.97
C GLU B 222 4.81 -3.74 -18.52
N ALA B 223 5.25 -2.52 -18.17
CA ALA B 223 5.73 -2.21 -16.82
C ALA B 223 4.64 -2.24 -15.75
N PRO B 224 3.43 -1.72 -16.01
CA PRO B 224 2.37 -1.84 -14.99
C PRO B 224 2.07 -3.26 -14.57
N ARG B 225 2.49 -4.26 -15.35
CA ARG B 225 2.26 -5.65 -14.95
C ARG B 225 3.30 -6.09 -13.93
N HIS B 226 4.50 -5.53 -13.98
CA HIS B 226 5.49 -5.77 -12.96
C HIS B 226 5.13 -5.00 -11.69
N LEU B 227 5.80 -5.34 -10.59
CA LEU B 227 5.74 -4.52 -9.39
C LEU B 227 6.71 -3.35 -9.50
N ILE B 228 7.99 -3.65 -9.73
CA ILE B 228 9.01 -2.68 -10.07
C ILE B 228 9.85 -3.30 -11.17
N HIS B 229 9.66 -2.84 -12.41
CA HIS B 229 10.35 -3.44 -13.54
C HIS B 229 11.85 -3.55 -13.27
N PRO B 230 12.47 -4.69 -13.61
CA PRO B 230 13.91 -4.86 -13.36
C PRO B 230 14.78 -3.74 -13.90
N ALA B 231 14.47 -3.21 -15.08
CA ALA B 231 15.21 -2.09 -15.63
C ALA B 231 15.26 -0.93 -14.64
N LEU B 232 14.11 -0.58 -14.06
CA LEU B 232 14.07 0.51 -13.09
C LEU B 232 14.74 0.11 -11.79
N LEU B 233 14.66 -1.18 -11.43
CA LEU B 233 15.33 -1.68 -10.24
C LEU B 233 16.84 -1.61 -10.39
N ASP B 234 17.36 -2.00 -11.56
CA ASP B 234 18.78 -1.85 -11.84
C ASP B 234 19.21 -0.38 -11.76
N ALA B 235 18.43 0.52 -12.35
CA ALA B 235 18.77 1.94 -12.35
C ALA B 235 18.89 2.49 -10.94
N CYS B 236 18.13 1.95 -9.98
CA CYS B 236 18.29 2.35 -8.59
C CYS B 236 19.70 2.10 -8.09
N PHE B 237 20.27 0.93 -8.43
CA PHE B 237 21.63 0.65 -8.00
C PHE B 237 22.64 1.47 -8.78
N GLN B 238 22.37 1.72 -10.06
CA GLN B 238 23.15 2.69 -10.81
C GLN B 238 23.21 4.01 -10.06
N SER B 239 22.04 4.52 -9.64
CA SER B 239 21.96 5.79 -8.93
C SER B 239 22.83 5.79 -7.67
N LEU B 240 22.79 4.71 -6.90
CA LEU B 240 23.55 4.64 -5.65
C LEU B 240 25.05 4.72 -5.90
N SER B 241 25.51 4.24 -7.05
CA SER B 241 26.95 4.24 -7.35
C SER B 241 27.55 5.64 -7.37
N ILE B 242 26.74 6.68 -7.51
CA ILE B 242 27.23 8.07 -7.50
C ILE B 242 27.40 8.60 -6.09
N ALA B 243 27.07 7.80 -5.08
CA ALA B 243 27.19 8.22 -3.69
C ALA B 243 28.63 7.98 -3.21
N MET B 244 29.34 7.03 -3.83
CA MET B 244 30.74 6.84 -3.52
C MET B 244 31.55 7.98 -4.13
N GLY B 245 32.40 8.63 -3.31
CA GLY B 245 33.02 9.86 -3.75
C GLY B 245 33.93 9.56 -4.91
N ASN B 246 33.61 10.17 -6.05
CA ASN B 246 34.34 9.99 -7.29
C ASN B 246 34.46 11.35 -7.97
N ASP B 247 35.57 11.57 -8.67
CA ASP B 247 35.79 12.81 -9.43
C ASP B 247 34.57 13.24 -10.25
N LYS B 253 35.04 4.68 -12.46
CA LYS B 253 36.31 3.97 -12.28
C LYS B 253 36.14 2.54 -11.79
N THR B 254 35.65 2.41 -10.56
CA THR B 254 35.37 1.13 -9.94
C THR B 254 33.89 0.81 -10.13
N LEU B 255 33.60 -0.17 -10.99
CA LEU B 255 32.24 -0.62 -11.20
C LEU B 255 31.81 -1.50 -10.03
N TYR B 256 30.54 -1.37 -9.64
CA TYR B 256 29.96 -2.17 -8.57
C TYR B 256 28.73 -2.93 -9.07
N ILE B 257 28.50 -4.10 -8.49
CA ILE B 257 27.38 -4.96 -8.87
C ILE B 257 26.69 -5.48 -7.61
N PRO B 258 25.36 -5.60 -7.61
CA PRO B 258 24.64 -6.10 -6.42
C PRO B 258 25.23 -7.37 -5.86
N PHE B 259 25.36 -7.42 -4.53
CA PHE B 259 26.02 -8.53 -3.84
C PHE B 259 25.17 -9.01 -2.66
N ASP B 260 24.83 -8.10 -1.75
CA ASP B 260 23.97 -8.41 -0.62
C ASP B 260 22.91 -7.33 -0.46
N VAL B 261 21.79 -7.71 0.16
CA VAL B 261 20.73 -6.80 0.57
C VAL B 261 20.18 -7.30 1.90
N ARG B 262 20.32 -6.49 2.95
CA ARG B 262 19.79 -6.89 4.26
C ARG B 262 18.26 -6.95 4.22
N ARG B 263 17.61 -5.93 3.67
CA ARG B 263 16.16 -5.93 3.56
C ARG B 263 15.72 -5.14 2.34
N PHE B 264 14.89 -5.76 1.49
CA PHE B 264 14.10 -5.07 0.49
C PHE B 264 12.64 -5.17 0.91
N SER B 265 12.01 -4.02 1.14
CA SER B 265 10.60 -3.96 1.55
C SER B 265 9.82 -3.28 0.43
N PHE B 266 8.91 -4.03 -0.20
CA PHE B 266 8.04 -3.50 -1.24
C PHE B 266 6.78 -2.92 -0.60
N HIS B 267 6.41 -1.72 -1.02
CA HIS B 267 5.26 -1.02 -0.47
C HIS B 267 4.18 -0.69 -1.48
N ALA B 268 4.55 -0.37 -2.72
CA ALA B 268 3.59 0.06 -3.73
C ALA B 268 4.23 -0.05 -5.11
N LYS B 269 3.40 -0.35 -6.11
CA LYS B 269 3.87 -0.47 -7.48
C LYS B 269 4.56 0.81 -7.95
N ALA B 270 5.61 0.63 -8.76
CA ALA B 270 6.26 1.75 -9.42
C ALA B 270 5.35 2.36 -10.49
N GLY B 271 5.38 3.69 -10.60
CA GLY B 271 4.75 4.38 -11.69
C GLY B 271 5.72 4.70 -12.82
N LYS B 272 5.27 5.56 -13.72
CA LYS B 272 6.08 5.86 -14.90
C LYS B 272 7.30 6.69 -14.56
N ARG B 273 7.22 7.46 -13.46
CA ARG B 273 8.36 8.32 -13.03
C ARG B 273 8.73 7.97 -11.59
N LEU B 274 10.02 7.88 -11.29
CA LEU B 274 10.48 7.40 -10.00
C LEU B 274 11.61 8.26 -9.47
N TYR B 275 11.63 8.48 -8.15
CA TYR B 275 12.69 9.22 -7.48
C TYR B 275 13.41 8.29 -6.50
N CYS B 276 14.68 8.01 -6.80
CA CYS B 276 15.52 7.11 -6.01
C CYS B 276 16.51 7.91 -5.19
N TYR B 277 16.35 7.91 -3.85
CA TYR B 277 17.25 8.60 -2.93
C TYR B 277 18.13 7.59 -2.21
N GLY B 278 19.44 7.67 -2.45
CA GLY B 278 20.41 6.77 -1.82
C GLY B 278 21.30 7.50 -0.83
N GLN B 279 21.71 6.79 0.22
CA GLN B 279 22.69 7.27 1.20
C GLN B 279 23.76 6.23 1.40
N ALA B 280 24.98 6.52 0.97
CA ALA B 280 26.07 5.55 1.07
C ALA B 280 26.58 5.39 2.50
N HIS B 281 27.14 4.22 2.76
CA HIS B 281 27.84 3.88 3.99
C HIS B 281 29.33 3.71 3.74
N VAL B 282 30.14 4.13 4.71
CA VAL B 282 31.58 4.01 4.59
C VAL B 282 32.04 2.69 5.21
N ILE B 286 37.64 -0.92 0.69
CA ILE B 286 37.80 -2.19 -0.02
C ILE B 286 37.03 -2.06 -1.34
N ALA B 287 36.62 -3.19 -1.91
CA ALA B 287 35.87 -3.21 -3.17
C ALA B 287 34.42 -3.61 -2.94
N TYR B 288 33.86 -3.17 -1.81
CA TYR B 288 32.45 -3.40 -1.46
C TYR B 288 31.80 -2.06 -1.16
N CYS B 289 30.91 -1.62 -2.04
CA CYS B 289 30.08 -0.45 -1.78
C CYS B 289 28.83 -0.86 -1.00
N GLU B 290 28.29 0.09 -0.23
CA GLU B 290 27.13 -0.17 0.60
C GLU B 290 26.28 1.09 0.72
N GLY B 291 24.97 0.90 0.86
CA GLY B 291 24.07 2.03 0.97
C GLY B 291 22.65 1.60 1.32
N ASP B 292 21.86 2.58 1.74
CA ASP B 292 20.44 2.43 1.96
C ASP B 292 19.68 3.25 0.93
N LEU B 293 18.52 2.73 0.50
CA LEU B 293 17.79 3.31 -0.63
C LEU B 293 16.32 3.52 -0.28
N TRP B 294 15.76 4.61 -0.79
CA TRP B 294 14.33 4.91 -0.64
C TRP B 294 13.76 5.30 -2.01
N LEU B 295 12.87 4.45 -2.54
CA LEU B 295 12.27 4.65 -3.85
C LEU B 295 10.88 5.27 -3.71
N PHE B 296 10.63 6.35 -4.45
CA PHE B 296 9.37 7.08 -4.37
C PHE B 296 8.75 7.25 -5.75
N ASN B 297 7.42 7.33 -5.77
CA ASN B 297 6.73 7.80 -6.96
C ASN B 297 6.74 9.32 -6.95
N GLU B 298 6.35 9.93 -8.08
CA GLU B 298 6.44 11.39 -8.13
C GLU B 298 5.42 12.06 -7.20
N ASP B 299 4.26 11.44 -6.99
CA ASP B 299 3.31 12.04 -6.05
C ASP B 299 3.77 11.92 -4.60
N GLY B 300 4.89 11.25 -4.36
CA GLY B 300 5.45 11.08 -3.03
C GLY B 300 5.11 9.80 -2.34
N GLU B 301 4.44 8.87 -3.02
CA GLU B 301 4.17 7.55 -2.46
C GLU B 301 5.45 6.72 -2.43
N LEU B 302 5.90 6.34 -1.24
CA LEU B 302 7.00 5.39 -1.12
C LEU B 302 6.68 4.10 -1.85
N VAL B 303 7.63 3.64 -2.67
CA VAL B 303 7.46 2.41 -3.43
C VAL B 303 8.22 1.24 -2.78
N ALA B 304 9.48 1.44 -2.43
CA ALA B 304 10.27 0.38 -1.82
C ALA B 304 11.38 0.99 -0.96
N GLU B 305 11.75 0.25 0.10
CA GLU B 305 12.87 0.60 0.95
C GLU B 305 13.93 -0.48 0.88
N PHE B 306 15.17 -0.08 0.61
CA PHE B 306 16.34 -0.95 0.70
C PHE B 306 17.15 -0.58 1.93
N GLU B 307 17.42 -1.57 2.79
CA GLU B 307 18.36 -1.43 3.90
C GLU B 307 19.54 -2.36 3.65
N GLY B 308 20.75 -1.80 3.65
CA GLY B 308 21.96 -2.59 3.54
C GLY B 308 22.20 -3.19 2.17
N PHE B 309 22.05 -2.37 1.14
CA PHE B 309 22.25 -2.80 -0.25
C PHE B 309 23.75 -2.80 -0.56
N LYS B 310 24.41 -3.89 -0.18
CA LYS B 310 25.84 -4.02 -0.41
C LYS B 310 26.11 -4.38 -1.88
N GLY B 311 27.29 -3.94 -2.36
CA GLY B 311 27.69 -4.21 -3.73
C GLY B 311 29.14 -4.64 -3.80
N LYS B 312 29.56 -5.05 -4.99
CA LYS B 312 30.91 -5.59 -5.18
C LYS B 312 31.40 -5.30 -6.59
N SER B 313 32.69 -5.01 -6.71
CA SER B 313 33.32 -4.80 -8.01
C SER B 313 33.38 -6.11 -8.80
#